data_4QOG
#
_entry.id   4QOG
#
_cell.length_a   56.560
_cell.length_b   83.400
_cell.length_c   106.860
_cell.angle_alpha   90.00
_cell.angle_beta   90.00
_cell.angle_gamma   90.00
#
_symmetry.space_group_name_H-M   'P 21 21 21'
#
loop_
_entity.id
_entity.type
_entity.pdbx_description
1 polymer 'Ribosyldihydronicotinamide dehydrogenase [quinone]'
2 non-polymer 'FLAVIN-ADENINE DINUCLEOTIDE'
3 non-polymer N-[2-(5-methoxy-1H-indol-3-yl)ethyl]acetamide
4 non-polymer 'ZINC ION'
5 water water
#
_entity_poly.entity_id   1
_entity_poly.type   'polypeptide(L)'
_entity_poly.pdbx_seq_one_letter_code
;MAGKKVLIVYAHQEPKSFNGSLKNVAVDELSRQGCTVTVSDLYAMNFEPRATDKDITGTLSNPEVFNYGVETHEAYKQRS
LASDITDEQKKVREADLVIFQFPLYWFSVPAILKGWMDRVLCQGFAFDIPGFYDSGLLQGKLALLSVTTGGTAEMYTKTG
VNGDSRYFLWPLQHGTLHFCGFKVLAPQISFAPEIASEEERKGMVAAWSQRLQTIWKEEPIPCTAHWHFGQ
;
_entity_poly.pdbx_strand_id   A,B
#
loop_
_chem_comp.id
_chem_comp.type
_chem_comp.name
_chem_comp.formula
FAD non-polymer 'FLAVIN-ADENINE DINUCLEOTIDE' 'C27 H33 N9 O15 P2'
ML1 non-polymer N-[2-(5-methoxy-1H-indol-3-yl)ethyl]acetamide 'C13 H16 N2 O2'
ZN non-polymer 'ZINC ION' 'Zn 2'
#
# COMPACT_ATOMS: atom_id res chain seq x y z
N GLY A 3 -26.23 -12.27 18.80
CA GLY A 3 -25.26 -12.98 17.91
C GLY A 3 -24.28 -11.96 17.34
N LYS A 4 -23.17 -12.44 16.82
CA LYS A 4 -22.16 -11.57 16.21
C LYS A 4 -21.84 -12.02 14.81
N LYS A 5 -21.49 -11.07 13.95
N LYS A 5 -21.68 -11.05 13.89
CA LYS A 5 -21.25 -11.32 12.54
CA LYS A 5 -21.26 -11.33 12.50
C LYS A 5 -19.84 -10.85 12.13
C LYS A 5 -19.78 -10.95 12.30
N VAL A 6 -19.06 -11.75 11.55
CA VAL A 6 -17.64 -11.49 11.21
C VAL A 6 -17.43 -11.55 9.71
N LEU A 7 -16.71 -10.62 9.16
CA LEU A 7 -16.16 -10.67 7.84
C LEU A 7 -14.68 -10.82 7.88
N ILE A 8 -14.12 -11.80 7.20
CA ILE A 8 -12.68 -11.96 7.04
C ILE A 8 -12.34 -11.60 5.64
N VAL A 9 -11.54 -10.55 5.40
CA VAL A 9 -11.00 -10.17 4.13
C VAL A 9 -9.59 -10.75 4.04
N TYR A 10 -9.42 -11.74 3.17
CA TYR A 10 -8.28 -12.61 3.12
C TYR A 10 -7.51 -12.42 1.86
N ALA A 11 -6.22 -12.20 1.97
CA ALA A 11 -5.38 -11.87 0.80
C ALA A 11 -4.13 -12.78 0.77
N HIS A 12 -4.35 -14.04 0.32
CA HIS A 12 -3.21 -14.95 0.05
C HIS A 12 -3.60 -15.86 -1.11
N GLN A 13 -2.61 -16.09 -1.99
CA GLN A 13 -2.79 -16.93 -3.17
C GLN A 13 -2.91 -18.45 -2.89
N GLU A 14 -2.36 -18.89 -1.77
CA GLU A 14 -2.16 -20.35 -1.55
C GLU A 14 -3.02 -20.85 -0.36
N PRO A 15 -3.95 -21.73 -0.59
CA PRO A 15 -4.74 -22.20 0.56
C PRO A 15 -3.89 -22.92 1.65
N LYS A 16 -2.81 -23.57 1.26
CA LYS A 16 -1.97 -24.28 2.22
C LYS A 16 -0.95 -23.41 2.95
N SER A 17 -0.96 -22.07 2.73
CA SER A 17 -0.04 -21.19 3.35
C SER A 17 -0.31 -20.98 4.83
N PHE A 18 0.62 -20.37 5.50
CA PHE A 18 0.50 -19.95 6.90
C PHE A 18 -0.69 -18.94 7.04
N ASN A 19 -0.85 -18.03 6.09
CA ASN A 19 -2.04 -17.18 6.12
C ASN A 19 -3.32 -17.96 6.00
N GLY A 20 -3.36 -18.90 5.06
CA GLY A 20 -4.46 -19.77 4.89
C GLY A 20 -4.87 -20.55 6.16
N SER A 21 -3.86 -21.07 6.83
CA SER A 21 -4.11 -21.72 8.14
C SER A 21 -4.73 -20.74 9.22
N LEU A 22 -4.26 -19.50 9.24
CA LEU A 22 -4.71 -18.52 10.18
C LEU A 22 -6.18 -18.17 9.81
N LYS A 23 -6.51 -18.02 8.52
CA LYS A 23 -7.84 -17.73 8.10
C LYS A 23 -8.80 -18.91 8.52
N ASN A 24 -8.33 -20.11 8.29
CA ASN A 24 -9.20 -21.26 8.52
C ASN A 24 -9.41 -21.47 10.01
N VAL A 25 -8.40 -21.25 10.86
CA VAL A 25 -8.63 -21.41 12.30
C VAL A 25 -9.57 -20.33 12.83
N ALA A 26 -9.56 -19.17 12.19
CA ALA A 26 -10.51 -18.13 12.53
C ALA A 26 -11.90 -18.52 12.18
N VAL A 27 -12.08 -19.08 10.98
CA VAL A 27 -13.38 -19.54 10.59
C VAL A 27 -13.83 -20.67 11.56
N ASP A 28 -12.93 -21.61 11.81
CA ASP A 28 -13.29 -22.79 12.69
C ASP A 28 -13.70 -22.28 14.06
N GLU A 29 -12.96 -21.37 14.66
CA GLU A 29 -13.25 -20.95 16.05
C GLU A 29 -14.47 -20.04 16.15
N LEU A 30 -14.55 -19.08 15.24
CA LEU A 30 -15.65 -18.22 15.25
C LEU A 30 -16.96 -19.01 14.91
N SER A 31 -16.85 -19.99 13.98
N SER A 31 -16.92 -20.00 14.02
CA SER A 31 -17.95 -20.89 13.67
CA SER A 31 -18.10 -20.80 13.78
C SER A 31 -18.40 -21.62 14.95
C SER A 31 -18.45 -21.70 14.94
N ARG A 32 -17.42 -22.20 15.64
CA ARG A 32 -17.66 -23.02 16.87
C ARG A 32 -18.36 -22.17 17.87
N GLN A 33 -18.04 -20.88 18.00
CA GLN A 33 -18.70 -20.04 18.95
C GLN A 33 -20.17 -19.70 18.60
N GLY A 34 -20.57 -19.98 17.39
CA GLY A 34 -21.93 -19.62 16.95
C GLY A 34 -22.02 -18.33 16.17
N CYS A 35 -20.88 -17.71 15.88
CA CYS A 35 -20.90 -16.48 15.10
C CYS A 35 -21.31 -16.74 13.68
N THR A 36 -21.76 -15.72 12.98
CA THR A 36 -22.01 -15.73 11.50
C THR A 36 -20.74 -15.30 10.87
N VAL A 37 -20.19 -16.06 9.90
CA VAL A 37 -18.90 -15.78 9.34
C VAL A 37 -18.94 -15.77 7.81
N THR A 38 -18.31 -14.79 7.21
CA THR A 38 -18.25 -14.56 5.76
C THR A 38 -16.80 -14.30 5.45
N VAL A 39 -16.22 -14.88 4.41
CA VAL A 39 -14.90 -14.65 3.96
C VAL A 39 -14.88 -14.11 2.55
N SER A 40 -14.11 -13.05 2.30
CA SER A 40 -13.87 -12.54 0.95
C SER A 40 -12.41 -12.96 0.67
N ASP A 41 -12.27 -14.00 -0.19
CA ASP A 41 -10.96 -14.58 -0.55
C ASP A 41 -10.58 -13.82 -1.82
N LEU A 42 -9.85 -12.71 -1.69
CA LEU A 42 -9.68 -11.82 -2.80
C LEU A 42 -9.02 -12.41 -4.02
N TYR A 43 -7.98 -13.20 -3.81
CA TYR A 43 -7.31 -13.79 -5.04
C TYR A 43 -8.22 -14.79 -5.70
N ALA A 44 -9.03 -15.50 -4.91
CA ALA A 44 -9.90 -16.49 -5.56
C ALA A 44 -11.01 -15.84 -6.32
N MET A 45 -11.48 -14.66 -5.89
CA MET A 45 -12.50 -13.86 -6.46
C MET A 45 -11.94 -13.06 -7.68
N ASN A 46 -10.63 -13.08 -7.85
N ASN A 46 -10.62 -13.09 -7.85
CA ASN A 46 -10.01 -12.24 -8.87
CA ASN A 46 -9.94 -12.24 -8.86
C ASN A 46 -10.47 -10.79 -8.67
C ASN A 46 -10.27 -10.78 -8.70
N PHE A 47 -10.36 -10.35 -7.42
CA PHE A 47 -10.83 -9.03 -7.04
C PHE A 47 -10.08 -7.94 -7.77
N GLU A 48 -10.80 -7.04 -8.38
CA GLU A 48 -10.23 -5.94 -9.19
C GLU A 48 -9.63 -4.89 -8.19
N PRO A 49 -8.36 -4.62 -8.31
CA PRO A 49 -7.76 -3.60 -7.42
C PRO A 49 -7.70 -2.18 -7.97
N ARG A 50 -7.82 -2.03 -9.27
CA ARG A 50 -7.65 -0.72 -9.86
C ARG A 50 -8.87 0.19 -9.72
N ALA A 51 -8.63 1.42 -9.34
CA ALA A 51 -9.67 2.44 -9.25
C ALA A 51 -9.79 3.12 -10.60
N THR A 52 -10.80 2.71 -11.34
CA THR A 52 -11.00 3.20 -12.68
C THR A 52 -12.43 3.63 -12.90
N ASP A 53 -12.62 4.30 -14.03
CA ASP A 53 -13.95 4.69 -14.45
C ASP A 53 -14.90 3.53 -14.72
N LYS A 54 -14.38 2.31 -14.82
CA LYS A 54 -15.26 1.15 -14.84
C LYS A 54 -16.01 0.92 -13.55
N ASP A 55 -15.68 1.66 -12.52
CA ASP A 55 -16.31 1.40 -11.24
C ASP A 55 -17.61 2.17 -11.13
N ILE A 56 -17.90 3.00 -12.13
CA ILE A 56 -19.14 3.82 -12.18
C ILE A 56 -19.82 3.39 -13.48
N THR A 57 -21.10 3.06 -13.36
CA THR A 57 -21.86 2.66 -14.58
C THR A 57 -22.78 3.78 -15.04
N GLY A 58 -23.03 4.77 -14.25
CA GLY A 58 -24.05 5.77 -14.67
C GLY A 58 -23.44 6.98 -15.35
N THR A 59 -24.27 7.98 -15.58
CA THR A 59 -23.77 9.21 -16.17
C THR A 59 -22.79 9.85 -15.22
N LEU A 60 -21.62 10.18 -15.70
CA LEU A 60 -20.63 10.82 -14.83
C LEU A 60 -21.04 12.26 -14.55
N SER A 61 -20.65 12.79 -13.41
CA SER A 61 -20.91 14.17 -13.05
C SER A 61 -20.01 15.12 -13.86
N ASN A 62 -18.83 14.67 -14.25
CA ASN A 62 -17.98 15.43 -15.17
C ASN A 62 -17.39 14.49 -16.13
N PRO A 63 -17.97 14.30 -17.30
CA PRO A 63 -17.46 13.34 -18.28
C PRO A 63 -16.16 13.79 -18.97
N GLU A 64 -15.77 15.06 -18.84
CA GLU A 64 -14.59 15.62 -19.53
C GLU A 64 -13.27 15.42 -18.73
N VAL A 65 -13.41 15.45 -17.40
CA VAL A 65 -12.26 15.41 -16.44
C VAL A 65 -12.71 14.41 -15.33
N PHE A 66 -12.08 13.22 -15.36
CA PHE A 66 -12.48 12.11 -14.46
C PHE A 66 -11.81 12.27 -13.11
N ASN A 67 -12.59 12.30 -12.03
CA ASN A 67 -12.11 12.44 -10.67
C ASN A 67 -12.72 11.27 -9.89
N TYR A 68 -11.90 10.23 -9.58
CA TYR A 68 -12.40 9.03 -9.06
C TYR A 68 -13.20 9.25 -7.75
N GLY A 69 -12.71 10.07 -6.84
CA GLY A 69 -13.41 10.33 -5.59
C GLY A 69 -14.80 10.94 -5.80
N VAL A 70 -14.86 11.94 -6.61
CA VAL A 70 -16.15 12.62 -6.89
C VAL A 70 -17.09 11.68 -7.60
N GLU A 71 -16.59 10.89 -8.54
CA GLU A 71 -17.49 10.06 -9.29
C GLU A 71 -18.02 8.89 -8.47
N THR A 72 -17.16 8.30 -7.62
CA THR A 72 -17.58 7.19 -6.80
C THR A 72 -18.52 7.63 -5.67
N HIS A 73 -18.30 8.84 -5.13
CA HIS A 73 -19.20 9.33 -4.11
C HIS A 73 -20.61 9.50 -4.69
N GLU A 74 -20.65 10.14 -5.85
N GLU A 74 -20.66 10.16 -5.82
CA GLU A 74 -21.96 10.28 -6.54
CA GLU A 74 -21.95 10.36 -6.48
C GLU A 74 -22.58 8.98 -6.84
C GLU A 74 -22.59 9.02 -6.98
N ALA A 75 -21.81 8.06 -7.45
CA ALA A 75 -22.32 6.81 -7.85
C ALA A 75 -22.87 6.02 -6.64
N TYR A 76 -22.21 6.12 -5.50
CA TYR A 76 -22.72 5.38 -4.32
C TYR A 76 -24.10 5.95 -3.97
N LYS A 77 -24.22 7.27 -3.95
CA LYS A 77 -25.53 7.86 -3.61
C LYS A 77 -26.61 7.49 -4.60
N GLN A 78 -26.29 7.38 -5.86
CA GLN A 78 -27.28 7.09 -6.91
C GLN A 78 -27.49 5.61 -7.16
N ARG A 79 -26.62 4.78 -6.62
CA ARG A 79 -26.62 3.35 -6.82
C ARG A 79 -26.19 2.91 -8.23
N SER A 80 -25.07 3.50 -8.72
CA SER A 80 -24.55 3.18 -9.99
C SER A 80 -23.08 2.75 -9.84
N LEU A 81 -22.68 2.31 -8.67
CA LEU A 81 -21.31 1.67 -8.56
C LEU A 81 -21.31 0.31 -9.18
N ALA A 82 -20.14 -0.17 -9.59
CA ALA A 82 -19.98 -1.57 -9.96
C ALA A 82 -20.42 -2.54 -8.88
N SER A 83 -21.06 -3.63 -9.24
CA SER A 83 -21.63 -4.54 -8.26
C SER A 83 -20.58 -5.23 -7.35
N ASP A 84 -19.35 -5.36 -7.80
CA ASP A 84 -18.32 -6.00 -6.97
C ASP A 84 -18.08 -5.16 -5.73
N ILE A 85 -18.16 -3.83 -5.93
CA ILE A 85 -17.98 -2.94 -4.81
C ILE A 85 -19.12 -3.10 -3.79
N THR A 86 -20.34 -2.94 -4.34
CA THR A 86 -21.58 -3.05 -3.60
C THR A 86 -21.64 -4.35 -2.83
N ASP A 87 -21.19 -5.43 -3.46
CA ASP A 87 -21.15 -6.78 -2.80
C ASP A 87 -20.30 -6.75 -1.50
N GLU A 88 -19.14 -6.12 -1.61
CA GLU A 88 -18.29 -5.99 -0.42
C GLU A 88 -18.84 -5.06 0.65
N GLN A 89 -19.49 -3.96 0.22
CA GLN A 89 -20.05 -3.01 1.12
C GLN A 89 -21.17 -3.71 1.94
N LYS A 90 -21.96 -4.58 1.26
CA LYS A 90 -23.04 -5.28 2.02
C LYS A 90 -22.36 -6.09 3.14
N LYS A 91 -21.28 -6.80 2.82
CA LYS A 91 -20.63 -7.62 3.82
C LYS A 91 -20.11 -6.80 4.99
N VAL A 92 -19.50 -5.66 4.67
CA VAL A 92 -19.03 -4.79 5.73
C VAL A 92 -20.18 -4.22 6.57
N ARG A 93 -21.23 -3.83 5.92
CA ARG A 93 -22.36 -3.18 6.61
C ARG A 93 -22.96 -4.20 7.58
N GLU A 94 -23.02 -5.49 7.20
CA GLU A 94 -23.54 -6.49 8.12
C GLU A 94 -22.65 -6.88 9.27
N ALA A 95 -21.35 -6.73 9.09
CA ALA A 95 -20.38 -7.25 10.04
C ALA A 95 -20.29 -6.42 11.31
N ASP A 96 -20.11 -7.12 12.41
CA ASP A 96 -19.69 -6.49 13.68
C ASP A 96 -18.20 -6.32 13.78
N LEU A 97 -17.45 -7.22 13.18
CA LEU A 97 -15.97 -7.29 13.24
C LEU A 97 -15.48 -7.63 11.87
N VAL A 98 -14.53 -6.91 11.40
CA VAL A 98 -13.82 -7.15 10.17
C VAL A 98 -12.41 -7.50 10.48
N ILE A 99 -11.98 -8.70 10.10
CA ILE A 99 -10.64 -9.19 10.23
C ILE A 99 -9.97 -9.16 8.93
N PHE A 100 -8.83 -8.56 8.79
CA PHE A 100 -7.97 -8.59 7.59
C PHE A 100 -6.87 -9.56 7.81
N GLN A 101 -6.75 -10.57 6.93
CA GLN A 101 -5.69 -11.62 7.09
C GLN A 101 -4.76 -11.52 5.90
N PHE A 102 -3.52 -11.15 6.08
CA PHE A 102 -2.65 -10.97 4.95
C PHE A 102 -1.19 -11.11 5.35
N PRO A 103 -0.32 -11.38 4.35
CA PRO A 103 1.12 -11.23 4.54
C PRO A 103 1.55 -9.79 4.31
N LEU A 104 2.45 -9.24 5.08
CA LEU A 104 2.99 -7.94 4.92
C LEU A 104 3.73 -7.87 3.59
N TYR A 105 3.37 -6.93 2.73
CA TYR A 105 4.06 -6.63 1.46
C TYR A 105 4.51 -5.24 1.49
N TRP A 106 5.81 -5.00 1.46
CA TRP A 106 6.31 -3.65 1.51
C TRP A 106 5.76 -2.76 2.62
N PHE A 107 5.84 -3.29 3.84
CA PHE A 107 5.38 -2.63 5.04
C PHE A 107 3.88 -2.28 4.96
N SER A 108 3.13 -3.00 4.15
CA SER A 108 1.72 -2.68 3.94
C SER A 108 0.93 -3.92 3.52
N VAL A 109 -0.25 -3.71 2.97
CA VAL A 109 -1.05 -4.78 2.48
C VAL A 109 -0.66 -5.12 1.01
N PRO A 110 -0.87 -6.38 0.59
CA PRO A 110 -0.76 -6.71 -0.83
C PRO A 110 -1.68 -5.82 -1.63
N ALA A 111 -1.24 -5.52 -2.86
CA ALA A 111 -2.02 -4.66 -3.72
C ALA A 111 -3.45 -5.07 -3.88
N ILE A 112 -3.75 -6.36 -3.95
CA ILE A 112 -5.16 -6.73 -4.17
C ILE A 112 -6.01 -6.25 -3.02
N LEU A 113 -5.47 -6.26 -1.81
CA LEU A 113 -6.16 -5.82 -0.59
C LEU A 113 -6.14 -4.27 -0.51
N LYS A 114 -5.10 -3.64 -0.95
CA LYS A 114 -5.08 -2.20 -1.06
C LYS A 114 -6.19 -1.78 -1.93
N GLY A 115 -6.44 -2.48 -3.04
CA GLY A 115 -7.49 -2.09 -3.96
C GLY A 115 -8.84 -2.35 -3.33
N TRP A 116 -9.05 -3.34 -2.52
CA TRP A 116 -10.26 -3.45 -1.71
C TRP A 116 -10.48 -2.21 -0.88
N MET A 117 -9.45 -1.73 -0.19
N MET A 117 -9.50 -1.73 -0.16
CA MET A 117 -9.57 -0.51 0.66
CA MET A 117 -9.74 -0.54 0.64
C MET A 117 -10.01 0.58 -0.27
C MET A 117 -9.96 0.69 -0.25
N ASP A 118 -9.22 0.84 -1.34
CA ASP A 118 -9.44 1.97 -2.25
C ASP A 118 -10.86 2.03 -2.80
N ARG A 119 -11.38 0.89 -3.25
CA ARG A 119 -12.61 0.88 -3.99
C ARG A 119 -13.78 0.66 -3.09
N VAL A 120 -13.74 -0.14 -2.05
CA VAL A 120 -14.86 -0.49 -1.24
C VAL A 120 -15.16 0.68 -0.26
N LEU A 121 -14.17 1.37 0.34
CA LEU A 121 -14.37 2.34 1.42
C LEU A 121 -14.60 3.68 0.80
N CYS A 122 -15.63 3.81 0.00
CA CYS A 122 -15.84 5.13 -0.66
C CYS A 122 -16.60 6.17 0.19
N GLN A 123 -16.50 7.40 -0.28
CA GLN A 123 -17.20 8.48 0.38
C GLN A 123 -18.69 8.23 0.27
N GLY A 124 -19.37 8.42 1.36
CA GLY A 124 -20.80 8.14 1.41
C GLY A 124 -21.11 6.83 2.13
N PHE A 125 -20.22 5.85 1.92
CA PHE A 125 -20.38 4.56 2.54
C PHE A 125 -19.55 4.53 3.84
N ALA A 126 -18.25 4.76 3.74
CA ALA A 126 -17.33 4.56 4.85
C ALA A 126 -17.01 5.84 5.66
N PHE A 127 -17.14 6.98 5.02
CA PHE A 127 -16.86 8.26 5.62
C PHE A 127 -17.58 9.32 4.81
N ASP A 128 -17.69 10.46 5.42
CA ASP A 128 -18.10 11.66 4.72
C ASP A 128 -17.28 12.81 5.16
N ILE A 129 -17.44 13.91 4.47
CA ILE A 129 -16.73 15.12 4.78
C ILE A 129 -17.78 16.16 5.09
N PRO A 130 -18.14 16.40 6.34
CA PRO A 130 -17.61 15.81 7.60
C PRO A 130 -18.16 14.41 7.90
N GLY A 131 -17.51 13.68 8.82
CA GLY A 131 -17.93 12.34 9.15
C GLY A 131 -16.73 11.38 8.97
N PHE A 132 -15.68 11.56 9.74
CA PHE A 132 -14.53 10.72 9.69
C PHE A 132 -13.86 10.68 11.03
N TYR A 133 -12.87 9.83 11.16
CA TYR A 133 -12.30 9.44 12.41
C TYR A 133 -13.43 9.03 13.37
N ASP A 134 -13.52 9.65 14.56
CA ASP A 134 -14.51 9.22 15.51
C ASP A 134 -15.92 9.49 14.98
N SER A 135 -16.18 10.22 13.99
N SER A 135 -16.22 10.22 14.00
CA SER A 135 -17.48 10.35 13.34
CA SER A 135 -17.54 10.30 13.37
C SER A 135 -17.56 9.65 11.98
C SER A 135 -17.59 9.62 11.99
N GLY A 136 -16.70 8.70 11.68
CA GLY A 136 -16.71 7.90 10.47
C GLY A 136 -17.97 7.08 10.40
N LEU A 137 -18.34 6.67 9.20
CA LEU A 137 -19.65 6.04 8.98
C LEU A 137 -19.74 4.59 9.41
N LEU A 138 -18.59 3.97 9.68
CA LEU A 138 -18.51 2.61 10.19
C LEU A 138 -18.34 2.56 11.69
N GLN A 139 -18.70 3.67 12.34
CA GLN A 139 -18.68 3.67 13.78
C GLN A 139 -19.59 2.54 14.36
N GLY A 140 -19.14 1.98 15.44
CA GLY A 140 -19.79 0.83 16.04
C GLY A 140 -19.22 -0.52 15.64
N LYS A 141 -18.40 -0.53 14.61
CA LYS A 141 -17.77 -1.75 14.13
C LYS A 141 -16.37 -1.86 14.64
N LEU A 142 -15.91 -3.08 14.71
CA LEU A 142 -14.60 -3.39 15.09
C LEU A 142 -13.76 -3.85 13.87
N ALA A 143 -12.49 -3.61 13.87
CA ALA A 143 -11.55 -4.13 12.87
C ALA A 143 -10.28 -4.62 13.49
N LEU A 144 -9.65 -5.59 12.87
CA LEU A 144 -8.42 -6.23 13.44
C LEU A 144 -7.52 -6.66 12.27
N LEU A 145 -6.24 -6.27 12.27
CA LEU A 145 -5.27 -6.70 11.27
C LEU A 145 -4.60 -7.93 11.82
N SER A 146 -4.64 -9.01 11.10
CA SER A 146 -3.90 -10.21 11.32
C SER A 146 -2.83 -10.36 10.21
N VAL A 147 -1.61 -10.03 10.56
CA VAL A 147 -0.56 -9.83 9.60
C VAL A 147 0.52 -10.88 9.84
N THR A 148 1.14 -11.38 8.78
CA THR A 148 2.34 -12.22 8.90
C THR A 148 3.53 -11.49 8.27
N THR A 149 4.77 -11.86 8.64
CA THR A 149 5.91 -11.16 8.14
C THR A 149 7.02 -12.13 7.74
N GLY A 150 7.90 -11.58 6.89
CA GLY A 150 9.24 -12.18 6.71
C GLY A 150 10.19 -11.85 7.86
N GLY A 151 10.22 -10.62 8.29
CA GLY A 151 11.13 -10.07 9.27
C GLY A 151 10.74 -10.70 10.62
N THR A 152 11.76 -10.85 11.46
CA THR A 152 11.53 -11.24 12.83
C THR A 152 11.02 -10.09 13.72
N ALA A 153 10.45 -10.52 14.86
CA ALA A 153 10.06 -9.56 15.88
C ALA A 153 11.15 -8.57 16.31
N GLU A 154 12.37 -9.10 16.43
CA GLU A 154 13.51 -8.29 16.83
C GLU A 154 13.85 -7.20 15.80
N MET A 155 13.66 -7.56 14.56
CA MET A 155 13.88 -6.62 13.46
C MET A 155 12.86 -5.54 13.46
N TYR A 156 11.67 -5.91 13.89
CA TYR A 156 10.59 -4.95 14.06
C TYR A 156 10.48 -4.38 15.48
N THR A 157 11.60 -3.87 15.97
CA THR A 157 11.62 -3.16 17.21
C THR A 157 12.17 -1.81 16.95
N LYS A 158 11.94 -0.89 17.85
CA LYS A 158 12.45 0.44 17.74
C LYS A 158 13.94 0.50 17.36
N THR A 159 14.77 -0.39 17.88
CA THR A 159 16.18 -0.36 17.54
C THR A 159 16.61 -1.33 16.45
N GLY A 160 15.68 -2.03 15.86
CA GLY A 160 16.00 -3.03 14.86
C GLY A 160 15.94 -2.36 13.52
N VAL A 161 16.33 -3.06 12.48
CA VAL A 161 16.49 -2.40 11.19
C VAL A 161 15.19 -1.88 10.60
N ASN A 162 14.11 -2.62 10.85
CA ASN A 162 12.78 -2.22 10.36
C ASN A 162 12.01 -1.18 11.15
N GLY A 163 12.48 -0.82 12.32
CA GLY A 163 11.69 0.01 13.19
C GLY A 163 10.60 -0.84 13.86
N ASP A 164 9.92 -0.25 14.80
CA ASP A 164 8.94 -0.98 15.59
C ASP A 164 7.76 -1.39 14.66
N SER A 165 7.16 -2.55 14.99
CA SER A 165 6.03 -3.05 14.19
C SER A 165 4.92 -2.04 14.16
N ARG A 166 4.64 -1.26 15.22
CA ARG A 166 3.52 -0.40 15.18
C ARG A 166 3.64 0.72 14.17
N TYR A 167 4.89 1.07 13.82
CA TYR A 167 5.05 2.21 12.89
C TYR A 167 4.33 1.96 11.48
N PHE A 168 4.52 0.75 11.03
CA PHE A 168 3.92 0.35 9.70
C PHE A 168 2.42 0.17 9.83
N LEU A 169 1.90 -0.03 11.03
CA LEU A 169 0.43 -0.07 11.17
C LEU A 169 -0.30 1.22 11.02
N TRP A 170 0.38 2.38 11.13
CA TRP A 170 -0.26 3.63 11.13
C TRP A 170 -1.16 3.92 9.94
N PRO A 171 -0.67 3.71 8.68
CA PRO A 171 -1.58 4.05 7.58
C PRO A 171 -2.85 3.16 7.46
N LEU A 172 -2.72 1.94 7.96
CA LEU A 172 -3.78 0.98 8.01
C LEU A 172 -4.81 1.19 9.12
N GLN A 173 -4.26 1.15 10.33
CA GLN A 173 -5.12 1.33 11.49
C GLN A 173 -5.67 2.71 11.65
N HIS A 174 -4.81 3.71 11.47
CA HIS A 174 -5.24 5.05 11.67
C HIS A 174 -5.79 5.71 10.40
N GLY A 175 -4.96 5.75 9.35
CA GLY A 175 -5.34 6.47 8.16
C GLY A 175 -6.50 5.86 7.39
N THR A 176 -6.79 4.56 7.66
CA THR A 176 -7.87 3.89 6.94
C THR A 176 -8.97 3.53 7.93
N LEU A 177 -8.71 2.62 8.82
CA LEU A 177 -9.77 2.04 9.69
C LEU A 177 -10.35 3.08 10.67
N HIS A 178 -9.49 3.71 11.46
CA HIS A 178 -10.03 4.76 12.35
C HIS A 178 -10.65 5.84 11.51
N PHE A 179 -10.10 6.23 10.39
CA PHE A 179 -10.67 7.26 9.56
C PHE A 179 -12.08 6.95 9.27
N CYS A 180 -12.38 5.69 8.98
CA CYS A 180 -13.74 5.26 8.63
C CYS A 180 -14.66 4.97 9.83
N GLY A 181 -14.12 5.21 11.04
CA GLY A 181 -14.94 5.11 12.23
C GLY A 181 -14.75 3.83 12.99
N PHE A 182 -14.04 2.86 12.44
CA PHE A 182 -13.83 1.65 13.16
C PHE A 182 -13.11 1.89 14.51
N LYS A 183 -13.44 1.11 15.50
N LYS A 183 -13.45 1.06 15.47
CA LYS A 183 -12.53 0.93 16.59
CA LYS A 183 -12.64 0.77 16.65
C LYS A 183 -11.66 -0.23 16.13
C LYS A 183 -11.70 -0.40 16.32
N VAL A 184 -10.43 -0.21 16.59
CA VAL A 184 -9.40 -1.08 16.17
C VAL A 184 -8.97 -1.95 17.29
N LEU A 185 -9.10 -3.25 17.20
CA LEU A 185 -8.55 -4.18 18.14
C LEU A 185 -7.07 -4.39 17.90
N ALA A 186 -6.35 -4.80 18.95
CA ALA A 186 -4.93 -4.88 18.84
C ALA A 186 -4.54 -5.85 17.70
N PRO A 187 -3.49 -5.50 16.95
CA PRO A 187 -3.12 -6.36 15.85
C PRO A 187 -2.66 -7.74 16.25
N GLN A 188 -2.86 -8.74 15.42
CA GLN A 188 -2.25 -10.06 15.56
C GLN A 188 -1.12 -10.11 14.62
N ILE A 189 0.12 -10.09 15.10
CA ILE A 189 1.29 -10.20 14.18
C ILE A 189 1.98 -11.53 14.34
N SER A 190 1.91 -12.37 13.35
CA SER A 190 2.62 -13.66 13.36
C SER A 190 3.96 -13.49 12.68
N PHE A 191 5.03 -13.30 13.46
CA PHE A 191 6.35 -12.95 12.91
C PHE A 191 7.09 -14.14 12.27
N ALA A 192 7.63 -13.89 11.09
CA ALA A 192 8.56 -14.85 10.47
C ALA A 192 8.23 -16.30 10.51
N PRO A 193 7.05 -16.74 10.02
CA PRO A 193 6.75 -18.13 10.02
C PRO A 193 7.71 -18.98 9.21
N GLU A 194 8.35 -18.36 8.21
CA GLU A 194 9.14 -19.14 7.26
C GLU A 194 10.41 -19.61 8.04
N ILE A 195 10.98 -18.76 8.86
CA ILE A 195 12.14 -19.04 9.72
C ILE A 195 11.81 -19.97 10.88
N ALA A 196 10.61 -19.80 11.43
CA ALA A 196 10.21 -20.50 12.64
C ALA A 196 10.25 -21.99 12.44
N SER A 197 10.42 -22.74 13.54
CA SER A 197 10.22 -24.21 13.48
C SER A 197 8.77 -24.55 13.38
N GLU A 198 8.49 -25.81 13.09
CA GLU A 198 7.12 -26.26 12.85
C GLU A 198 6.29 -26.29 14.12
N GLU A 199 6.91 -26.52 15.27
CA GLU A 199 6.19 -26.46 16.52
C GLU A 199 5.86 -25.00 16.82
N GLU A 200 6.82 -24.09 16.59
CA GLU A 200 6.58 -22.64 16.79
C GLU A 200 5.51 -22.10 15.81
N ARG A 201 5.44 -22.64 14.59
CA ARG A 201 4.37 -22.27 13.65
C ARG A 201 3.01 -22.71 14.18
N LYS A 202 2.95 -23.96 14.67
CA LYS A 202 1.76 -24.50 15.37
C LYS A 202 1.38 -23.69 16.55
N GLY A 203 2.36 -23.17 17.28
CA GLY A 203 2.12 -22.33 18.37
C GLY A 203 1.47 -21.03 17.95
N MET A 204 1.98 -20.42 16.88
CA MET A 204 1.37 -19.20 16.40
C MET A 204 -0.07 -19.35 15.94
N VAL A 205 -0.37 -20.43 15.28
CA VAL A 205 -1.74 -20.73 14.84
C VAL A 205 -2.65 -20.82 16.07
N ALA A 206 -2.16 -21.56 17.04
CA ALA A 206 -3.00 -21.96 18.16
C ALA A 206 -3.17 -20.72 19.05
N ALA A 207 -2.17 -19.82 19.09
CA ALA A 207 -2.24 -18.55 19.85
C ALA A 207 -3.37 -17.64 19.29
N TRP A 208 -3.48 -17.65 17.96
CA TRP A 208 -4.55 -16.91 17.32
C TRP A 208 -5.89 -17.53 17.63
N SER A 209 -6.02 -18.84 17.39
CA SER A 209 -7.25 -19.54 17.80
C SER A 209 -7.63 -19.23 19.27
N GLN A 210 -6.64 -19.30 20.16
CA GLN A 210 -6.88 -19.03 21.54
C GLN A 210 -7.34 -17.59 21.84
N ARG A 211 -6.70 -16.62 21.17
CA ARG A 211 -7.13 -15.25 21.34
C ARG A 211 -8.60 -15.05 20.88
N LEU A 212 -8.98 -15.74 19.76
CA LEU A 212 -10.29 -15.56 19.21
C LEU A 212 -11.37 -16.07 20.17
N GLN A 213 -11.01 -17.03 21.02
CA GLN A 213 -11.96 -17.50 22.11
C GLN A 213 -12.54 -16.36 22.89
N THR A 214 -11.75 -15.29 23.15
CA THR A 214 -12.14 -14.17 23.97
C THR A 214 -12.16 -12.85 23.29
N ILE A 215 -12.28 -12.88 21.94
CA ILE A 215 -12.23 -11.62 21.16
C ILE A 215 -13.27 -10.61 21.53
N TRP A 216 -14.46 -11.09 21.84
CA TRP A 216 -15.61 -10.21 22.10
C TRP A 216 -15.55 -9.49 23.45
N LYS A 217 -14.59 -9.87 24.25
CA LYS A 217 -14.37 -9.27 25.56
C LYS A 217 -13.23 -8.27 25.44
N GLU A 218 -12.54 -8.17 24.30
CA GLU A 218 -11.47 -7.18 24.18
C GLU A 218 -11.93 -5.79 24.08
N GLU A 219 -11.14 -4.85 24.59
CA GLU A 219 -11.28 -3.48 24.24
C GLU A 219 -10.37 -3.04 23.06
N PRO A 220 -10.77 -2.04 22.32
CA PRO A 220 -9.93 -1.51 21.20
C PRO A 220 -8.71 -0.84 21.76
N ILE A 221 -7.72 -0.65 20.92
CA ILE A 221 -6.59 0.20 21.24
C ILE A 221 -6.97 1.66 21.12
N PRO A 222 -6.21 2.57 21.76
CA PRO A 222 -6.36 3.95 21.50
C PRO A 222 -5.54 4.29 20.24
N CYS A 223 -6.25 4.46 19.15
CA CYS A 223 -5.58 4.55 17.83
C CYS A 223 -5.12 6.00 17.55
N THR A 224 -4.02 6.28 18.28
CA THR A 224 -3.43 7.63 18.29
C THR A 224 -2.00 7.50 17.88
N ALA A 225 -1.41 8.68 17.63
CA ALA A 225 0.03 8.80 17.38
C ALA A 225 0.85 8.30 18.54
N HIS A 226 0.39 8.63 19.78
CA HIS A 226 1.12 8.11 20.89
C HIS A 226 1.24 6.56 20.96
N TRP A 227 0.09 5.88 20.66
CA TRP A 227 0.14 4.45 20.67
C TRP A 227 1.08 3.90 19.63
N HIS A 228 1.10 4.51 18.47
CA HIS A 228 1.96 4.00 17.40
C HIS A 228 3.48 4.33 17.45
N PHE A 229 3.70 5.53 18.01
CA PHE A 229 5.07 6.10 17.96
C PHE A 229 5.67 6.39 19.33
N GLY A 230 4.84 6.59 20.36
CA GLY A 230 5.35 6.77 21.75
C GLY A 230 5.64 8.21 21.98
N GLY B 3 25.17 12.40 -18.65
CA GLY B 3 23.72 12.64 -18.94
C GLY B 3 22.75 11.66 -18.24
N LYS B 4 21.86 12.24 -17.48
CA LYS B 4 21.10 11.53 -16.46
C LYS B 4 19.81 10.87 -17.04
N LYS B 5 19.40 9.76 -16.45
N LYS B 5 19.51 9.67 -16.53
CA LYS B 5 18.24 9.04 -16.94
CA LYS B 5 18.27 8.96 -16.93
C LYS B 5 17.24 8.85 -15.84
C LYS B 5 17.24 9.10 -15.77
N VAL B 6 16.01 9.31 -16.15
CA VAL B 6 14.90 9.36 -15.21
C VAL B 6 13.74 8.48 -15.66
N LEU B 7 13.18 7.76 -14.74
CA LEU B 7 11.89 7.06 -14.90
C LEU B 7 10.86 7.73 -14.04
N ILE B 8 9.74 8.10 -14.61
CA ILE B 8 8.58 8.57 -13.84
C ILE B 8 7.57 7.51 -13.75
N VAL B 9 7.19 6.93 -12.61
CA VAL B 9 6.09 5.97 -12.48
C VAL B 9 4.90 6.73 -12.01
N TYR B 10 3.89 6.83 -12.84
CA TYR B 10 2.81 7.76 -12.75
C TYR B 10 1.53 7.04 -12.56
N ALA B 11 0.77 7.33 -11.50
CA ALA B 11 -0.45 6.67 -11.17
C ALA B 11 -1.66 7.62 -10.98
N HIS B 12 -2.19 8.07 -12.11
CA HIS B 12 -3.44 8.82 -12.11
C HIS B 12 -4.23 8.51 -13.37
N GLN B 13 -5.55 8.44 -13.20
CA GLN B 13 -6.46 8.09 -14.28
C GLN B 13 -6.65 9.18 -15.33
N GLU B 14 -6.43 10.39 -14.89
CA GLU B 14 -6.83 11.63 -15.67
C GLU B 14 -5.65 12.52 -16.11
N PRO B 15 -5.49 12.63 -17.45
CA PRO B 15 -4.38 13.48 -17.92
C PRO B 15 -4.37 14.98 -17.58
N LYS B 16 -5.56 15.51 -17.32
CA LYS B 16 -5.75 16.89 -16.93
C LYS B 16 -5.68 17.15 -15.44
N SER B 17 -5.45 16.11 -14.67
CA SER B 17 -5.33 16.26 -13.25
C SER B 17 -4.15 17.07 -12.79
N PHE B 18 -4.13 17.45 -11.54
CA PHE B 18 -2.99 18.05 -10.89
C PHE B 18 -1.80 17.09 -10.99
N ASN B 19 -2.05 15.80 -10.76
CA ASN B 19 -1.02 14.80 -10.91
C ASN B 19 -0.51 14.76 -12.34
N GLY B 20 -1.42 14.77 -13.28
CA GLY B 20 -1.01 14.80 -14.70
C GLY B 20 -0.11 15.99 -15.00
N SER B 21 -0.48 17.18 -14.51
CA SER B 21 0.36 18.37 -14.73
C SER B 21 1.67 18.29 -14.04
N LEU B 22 1.79 17.76 -12.80
CA LEU B 22 3.04 17.56 -12.17
C LEU B 22 3.93 16.59 -13.01
N LYS B 23 3.28 15.56 -13.52
CA LYS B 23 4.05 14.57 -14.38
C LYS B 23 4.54 15.30 -15.67
N ASN B 24 3.68 16.08 -16.27
CA ASN B 24 4.01 16.73 -17.53
C ASN B 24 5.07 17.79 -17.33
N VAL B 25 5.15 18.54 -16.22
N VAL B 25 4.97 18.53 -16.22
CA VAL B 25 6.26 19.52 -16.07
CA VAL B 25 5.93 19.52 -15.89
C VAL B 25 7.58 18.85 -15.63
C VAL B 25 7.30 18.89 -15.72
N ALA B 26 7.44 17.68 -15.08
CA ALA B 26 8.63 16.97 -14.83
C ALA B 26 9.23 16.53 -16.18
N VAL B 27 8.36 16.00 -17.05
CA VAL B 27 8.85 15.56 -18.36
C VAL B 27 9.41 16.76 -19.09
N ASP B 28 8.69 17.87 -19.11
CA ASP B 28 9.09 19.09 -19.81
C ASP B 28 10.45 19.57 -19.30
N GLU B 29 10.59 19.72 -18.00
CA GLU B 29 11.79 20.27 -17.42
C GLU B 29 12.98 19.35 -17.53
N LEU B 30 12.78 18.06 -17.29
CA LEU B 30 13.89 17.14 -17.34
C LEU B 30 14.34 16.96 -18.80
N SER B 31 13.38 16.99 -19.68
N SER B 31 13.38 17.09 -19.70
CA SER B 31 13.66 16.98 -21.09
CA SER B 31 13.68 17.04 -21.16
C SER B 31 14.52 18.16 -21.49
C SER B 31 14.43 18.25 -21.65
N ARG B 32 14.06 19.39 -21.11
CA ARG B 32 14.75 20.62 -21.42
C ARG B 32 16.14 20.56 -20.94
N GLN B 33 16.46 19.94 -19.80
CA GLN B 33 17.79 19.84 -19.28
C GLN B 33 18.71 18.93 -20.11
N GLY B 34 18.13 18.12 -21.00
CA GLY B 34 18.83 17.09 -21.72
C GLY B 34 18.84 15.71 -21.14
N CYS B 35 18.05 15.47 -20.09
CA CYS B 35 17.97 14.13 -19.54
C CYS B 35 17.19 13.14 -20.42
N THR B 36 17.45 11.89 -20.27
CA THR B 36 16.68 10.80 -20.89
C THR B 36 15.53 10.48 -19.98
N VAL B 37 14.33 10.57 -20.49
CA VAL B 37 13.13 10.48 -19.69
C VAL B 37 12.23 9.38 -20.25
N THR B 38 11.69 8.60 -19.36
CA THR B 38 10.77 7.51 -19.59
C THR B 38 9.63 7.61 -18.57
N VAL B 39 8.39 7.37 -18.97
CA VAL B 39 7.21 7.49 -18.09
C VAL B 39 6.49 6.15 -18.13
N SER B 40 6.18 5.52 -17.05
CA SER B 40 5.26 4.37 -16.92
C SER B 40 3.91 4.88 -16.44
N ASP B 41 2.98 5.08 -17.38
CA ASP B 41 1.65 5.57 -17.10
C ASP B 41 0.80 4.36 -16.77
N LEU B 42 0.77 3.95 -15.51
CA LEU B 42 0.21 2.71 -15.06
C LEU B 42 -1.23 2.49 -15.49
N TYR B 43 -2.07 3.46 -15.31
CA TYR B 43 -3.47 3.27 -15.67
C TYR B 43 -3.64 3.10 -17.21
N ALA B 44 -2.89 3.85 -17.95
CA ALA B 44 -2.98 3.75 -19.42
C ALA B 44 -2.45 2.41 -19.87
N MET B 45 -1.49 1.80 -19.19
CA MET B 45 -0.88 0.52 -19.44
C MET B 45 -1.82 -0.62 -18.95
N ASN B 46 -2.90 -0.28 -18.27
CA ASN B 46 -3.71 -1.25 -17.50
C ASN B 46 -2.82 -2.23 -16.69
N PHE B 47 -1.87 -1.62 -16.02
CA PHE B 47 -0.87 -2.36 -15.31
C PHE B 47 -1.50 -3.32 -14.29
N GLU B 48 -1.09 -4.61 -14.30
CA GLU B 48 -1.66 -5.57 -13.41
C GLU B 48 -1.10 -5.36 -11.98
N PRO B 49 -2.02 -5.25 -10.98
CA PRO B 49 -1.54 -5.04 -9.62
C PRO B 49 -1.39 -6.31 -8.84
N ARG B 50 -2.11 -7.35 -9.21
CA ARG B 50 -2.14 -8.57 -8.39
C ARG B 50 -0.90 -9.45 -8.50
N ALA B 51 -0.39 -9.95 -7.37
CA ALA B 51 0.75 -10.87 -7.30
C ALA B 51 0.25 -12.28 -7.45
N THR B 52 0.36 -12.83 -8.65
CA THR B 52 -0.19 -14.13 -8.93
C THR B 52 0.81 -15.01 -9.66
N ASP B 53 0.44 -16.26 -9.81
CA ASP B 53 1.25 -17.22 -10.53
C ASP B 53 1.34 -17.00 -12.01
N LYS B 54 0.61 -16.03 -12.53
CA LYS B 54 0.79 -15.62 -13.88
C LYS B 54 2.05 -14.78 -14.08
N ASP B 55 2.73 -14.40 -13.00
CA ASP B 55 3.91 -13.57 -13.09
C ASP B 55 5.16 -14.37 -13.50
N ILE B 56 4.97 -15.69 -13.46
CA ILE B 56 6.02 -16.65 -13.79
C ILE B 56 5.60 -17.38 -15.05
N THR B 57 6.53 -17.44 -15.99
CA THR B 57 6.25 -18.12 -17.26
C THR B 57 6.92 -19.47 -17.19
N GLY B 58 6.37 -20.39 -17.93
CA GLY B 58 6.90 -21.75 -18.00
C GLY B 58 6.42 -22.62 -16.87
N THR B 59 7.33 -23.19 -16.08
CA THR B 59 6.92 -24.11 -15.01
C THR B 59 7.53 -23.78 -13.65
N LEU B 60 6.70 -24.00 -12.63
CA LEU B 60 6.96 -23.47 -11.32
C LEU B 60 7.96 -24.29 -10.54
N SER B 61 8.80 -23.58 -9.80
CA SER B 61 9.80 -24.09 -8.86
C SER B 61 9.20 -25.08 -7.87
N ASN B 62 7.93 -24.90 -7.50
CA ASN B 62 7.20 -25.87 -6.67
C ASN B 62 5.71 -25.84 -7.00
N PRO B 63 5.29 -26.56 -8.05
CA PRO B 63 3.88 -26.54 -8.53
C PRO B 63 2.83 -27.02 -7.54
N GLU B 64 3.22 -27.45 -6.34
CA GLU B 64 2.21 -27.97 -5.45
C GLU B 64 1.70 -26.88 -4.50
N VAL B 65 2.66 -26.11 -4.00
CA VAL B 65 2.44 -25.08 -2.99
C VAL B 65 3.00 -23.80 -3.61
N PHE B 66 2.17 -22.77 -3.83
CA PHE B 66 2.64 -21.52 -4.47
C PHE B 66 3.12 -20.52 -3.47
N ASN B 67 4.37 -20.13 -3.52
CA ASN B 67 4.97 -19.11 -2.69
C ASN B 67 5.45 -18.02 -3.62
N TYR B 68 4.73 -16.92 -3.66
CA TYR B 68 5.03 -15.91 -4.62
C TYR B 68 6.46 -15.42 -4.49
N GLY B 69 7.00 -15.16 -3.31
CA GLY B 69 8.34 -14.56 -3.13
C GLY B 69 9.43 -15.54 -3.65
N VAL B 70 9.24 -16.82 -3.35
CA VAL B 70 10.22 -17.85 -3.80
C VAL B 70 10.16 -17.95 -5.30
N GLU B 71 8.94 -18.06 -5.83
CA GLU B 71 8.75 -18.29 -7.22
C GLU B 71 9.27 -17.11 -8.07
N THR B 72 9.02 -15.87 -7.65
CA THR B 72 9.53 -14.74 -8.35
C THR B 72 11.04 -14.56 -8.24
N HIS B 73 11.62 -14.84 -7.08
CA HIS B 73 13.06 -14.83 -6.93
C HIS B 73 13.70 -15.83 -7.96
N GLU B 74 13.16 -17.05 -8.08
N GLU B 74 13.17 -17.06 -8.01
CA GLU B 74 13.77 -18.10 -8.92
CA GLU B 74 13.70 -18.11 -8.87
C GLU B 74 13.41 -17.90 -10.41
C GLU B 74 13.57 -17.62 -10.30
N ALA B 75 12.37 -17.12 -10.65
CA ALA B 75 12.02 -16.68 -12.03
C ALA B 75 12.93 -15.57 -12.48
N TYR B 76 13.26 -14.63 -11.62
CA TYR B 76 14.18 -13.56 -11.96
C TYR B 76 15.56 -14.18 -12.32
N LYS B 77 16.00 -15.13 -11.50
CA LYS B 77 17.32 -15.71 -11.65
C LYS B 77 17.37 -16.53 -12.92
N GLN B 78 16.24 -17.10 -13.33
CA GLN B 78 16.11 -17.94 -14.52
C GLN B 78 15.44 -17.32 -15.69
N ARG B 79 15.35 -15.99 -15.69
CA ARG B 79 14.79 -15.23 -16.77
C ARG B 79 13.43 -15.70 -17.21
N SER B 80 12.52 -16.02 -16.26
CA SER B 80 11.21 -16.46 -16.60
C SER B 80 10.12 -15.60 -15.89
N LEU B 81 10.39 -14.31 -15.64
CA LEU B 81 9.28 -13.44 -15.19
C LEU B 81 8.48 -12.97 -16.38
N ALA B 82 7.15 -12.76 -16.20
CA ALA B 82 6.27 -12.09 -17.11
C ALA B 82 6.90 -10.76 -17.65
N SER B 83 6.65 -10.53 -18.96
CA SER B 83 7.28 -9.42 -19.65
C SER B 83 6.87 -8.05 -19.12
N ASP B 84 5.68 -7.94 -18.60
CA ASP B 84 5.27 -6.63 -18.04
C ASP B 84 6.19 -6.23 -16.88
N ILE B 85 6.58 -7.21 -16.05
CA ILE B 85 7.53 -7.03 -14.99
C ILE B 85 8.91 -6.64 -15.46
N THR B 86 9.41 -7.52 -16.38
CA THR B 86 10.73 -7.27 -16.82
C THR B 86 10.94 -6.00 -17.64
N ASP B 87 9.88 -5.62 -18.36
CA ASP B 87 9.88 -4.27 -18.99
C ASP B 87 10.10 -3.16 -17.99
N GLU B 88 9.38 -3.24 -16.81
CA GLU B 88 9.59 -2.22 -15.81
C GLU B 88 10.99 -2.29 -15.14
N GLN B 89 11.48 -3.52 -14.92
CA GLN B 89 12.78 -3.72 -14.37
C GLN B 89 13.90 -3.12 -15.24
N LYS B 90 13.76 -3.30 -16.55
CA LYS B 90 14.67 -2.59 -17.48
C LYS B 90 14.73 -1.08 -17.32
N LYS B 91 13.51 -0.46 -17.19
CA LYS B 91 13.39 0.95 -16.98
C LYS B 91 14.10 1.42 -15.70
N VAL B 92 13.85 0.68 -14.63
CA VAL B 92 14.53 0.90 -13.36
C VAL B 92 16.08 0.72 -13.44
N ARG B 93 16.45 -0.38 -14.02
CA ARG B 93 17.90 -0.69 -14.14
C ARG B 93 18.61 0.50 -14.81
N GLU B 94 17.98 1.02 -15.87
CA GLU B 94 18.61 2.12 -16.64
C GLU B 94 18.55 3.52 -15.96
N ALA B 95 17.58 3.73 -15.07
CA ALA B 95 17.35 4.98 -14.50
C ALA B 95 18.40 5.39 -13.38
N ASP B 96 18.72 6.66 -13.33
CA ASP B 96 19.54 7.20 -12.27
C ASP B 96 18.62 7.71 -11.19
N LEU B 97 17.41 8.10 -11.57
CA LEU B 97 16.42 8.62 -10.68
C LEU B 97 15.04 8.06 -11.02
N VAL B 98 14.31 7.65 -10.00
CA VAL B 98 12.91 7.19 -10.18
C VAL B 98 12.02 8.14 -9.44
N ILE B 99 11.13 8.83 -10.08
CA ILE B 99 10.17 9.64 -9.54
C ILE B 99 8.85 8.89 -9.51
N PHE B 100 8.14 8.85 -8.38
CA PHE B 100 6.78 8.30 -8.30
C PHE B 100 5.82 9.43 -8.21
N GLN B 101 4.82 9.58 -9.07
CA GLN B 101 3.87 10.66 -9.08
C GLN B 101 2.50 10.10 -8.81
N PHE B 102 1.90 10.39 -7.64
CA PHE B 102 0.64 9.81 -7.29
C PHE B 102 -0.18 10.67 -6.34
N PRO B 103 -1.49 10.45 -6.38
CA PRO B 103 -2.33 10.97 -5.23
C PRO B 103 -2.23 9.97 -4.07
N LEU B 104 -2.26 10.50 -2.86
CA LEU B 104 -2.32 9.67 -1.68
C LEU B 104 -3.68 8.99 -1.61
N TYR B 105 -3.65 7.67 -1.51
CA TYR B 105 -4.82 6.85 -1.30
C TYR B 105 -4.60 6.08 0.00
N TRP B 106 -5.41 6.36 0.99
CA TRP B 106 -5.33 5.69 2.27
C TRP B 106 -3.97 5.67 2.90
N PHE B 107 -3.43 6.89 2.97
N PHE B 107 -3.45 6.90 2.90
CA PHE B 107 -2.06 7.09 3.57
CA PHE B 107 -2.09 7.21 3.44
C PHE B 107 -1.00 6.27 2.90
C PHE B 107 -1.00 6.44 2.81
N SER B 108 -1.24 6.02 1.56
CA SER B 108 -0.33 5.19 0.81
C SER B 108 -0.44 5.49 -0.67
N VAL B 109 0.11 4.59 -1.47
CA VAL B 109 -0.06 4.69 -2.95
C VAL B 109 -1.31 3.96 -3.39
N PRO B 110 -1.90 4.51 -4.49
CA PRO B 110 -3.00 3.78 -5.14
C PRO B 110 -2.61 2.31 -5.39
N ALA B 111 -3.63 1.41 -5.26
CA ALA B 111 -3.35 -0.01 -5.50
C ALA B 111 -2.59 -0.33 -6.78
N ILE B 112 -2.84 0.31 -7.89
CA ILE B 112 -2.12 -0.05 -9.10
C ILE B 112 -0.64 0.14 -8.93
N LEU B 113 -0.26 1.24 -8.19
CA LEU B 113 1.17 1.53 -7.93
C LEU B 113 1.68 0.66 -6.84
N LYS B 114 0.88 0.28 -5.86
CA LYS B 114 1.27 -0.75 -4.89
C LYS B 114 1.62 -2.02 -5.59
N GLY B 115 0.90 -2.38 -6.61
CA GLY B 115 1.14 -3.60 -7.37
C GLY B 115 2.39 -3.45 -8.20
N TRP B 116 2.78 -2.35 -8.74
CA TRP B 116 4.04 -2.12 -9.34
C TRP B 116 5.15 -2.40 -8.34
N MET B 117 5.09 -1.82 -7.17
N MET B 117 4.98 -1.95 -7.09
CA MET B 117 6.13 -2.14 -6.15
CA MET B 117 6.03 -2.12 -6.07
C MET B 117 6.16 -3.66 -5.82
C MET B 117 6.18 -3.57 -5.79
N ASP B 118 5.03 -4.24 -5.56
CA ASP B 118 4.96 -5.65 -5.19
C ASP B 118 5.55 -6.55 -6.29
N ARG B 119 5.30 -6.28 -7.56
CA ARG B 119 5.63 -7.21 -8.61
C ARG B 119 6.90 -6.82 -9.32
N VAL B 120 7.31 -5.62 -9.39
CA VAL B 120 8.53 -5.23 -10.04
C VAL B 120 9.73 -5.36 -9.11
N LEU B 121 9.63 -5.00 -7.82
CA LEU B 121 10.77 -5.05 -6.92
C LEU B 121 10.95 -6.40 -6.31
N CYS B 122 11.32 -7.41 -7.10
CA CYS B 122 11.44 -8.78 -6.60
C CYS B 122 12.91 -9.07 -6.09
N GLN B 123 13.00 -10.11 -5.23
CA GLN B 123 14.30 -10.57 -4.73
C GLN B 123 15.16 -11.04 -5.91
N GLY B 124 16.39 -10.57 -5.89
CA GLY B 124 17.38 -10.79 -6.98
C GLY B 124 17.49 -9.51 -7.78
N PHE B 125 16.39 -8.76 -7.94
CA PHE B 125 16.46 -7.48 -8.67
C PHE B 125 16.75 -6.27 -7.80
N ALA B 126 15.84 -6.01 -6.78
CA ALA B 126 15.82 -4.90 -5.95
C ALA B 126 16.55 -5.17 -4.62
N PHE B 127 16.48 -6.44 -4.21
N PHE B 127 16.65 -6.42 -4.21
CA PHE B 127 16.98 -6.98 -2.93
CA PHE B 127 17.28 -6.74 -2.95
C PHE B 127 17.22 -8.53 -2.90
C PHE B 127 17.67 -8.21 -2.87
N ASP B 128 17.97 -9.05 -1.92
N ASP B 128 18.64 -8.49 -2.02
CA ASP B 128 18.02 -10.51 -1.68
CA ASP B 128 18.91 -9.86 -1.77
C ASP B 128 17.70 -10.79 -0.15
C ASP B 128 19.40 -10.04 -0.33
N ILE B 129 17.57 -12.05 0.25
N ILE B 129 19.90 -11.23 -0.02
CA ILE B 129 17.30 -12.47 1.65
CA ILE B 129 20.72 -11.46 1.17
C ILE B 129 18.28 -13.58 1.96
C ILE B 129 22.17 -11.40 0.65
N PRO B 130 19.42 -13.23 2.53
N PRO B 130 22.96 -10.33 1.00
CA PRO B 130 19.64 -11.85 2.91
CA PRO B 130 22.74 -9.27 1.99
C PRO B 130 20.15 -11.06 1.67
C PRO B 130 22.45 -7.81 1.51
N GLY B 131 19.94 -9.74 1.68
N GLY B 131 22.21 -7.62 0.26
CA GLY B 131 20.56 -8.78 0.74
CA GLY B 131 21.87 -6.29 -0.26
C GLY B 131 19.81 -7.47 0.65
C GLY B 131 20.50 -5.74 0.14
N PHE B 132 19.59 -6.81 1.78
N PHE B 132 20.41 -5.11 1.29
CA PHE B 132 18.68 -5.64 1.76
CA PHE B 132 19.23 -4.29 1.60
C PHE B 132 19.16 -4.39 2.50
C PHE B 132 19.61 -3.02 2.41
N TYR B 133 18.38 -3.31 2.46
N TYR B 133 18.66 -2.09 2.54
CA TYR B 133 18.80 -2.00 3.02
CA TYR B 133 18.89 -0.76 3.10
C TYR B 133 20.09 -1.51 2.36
C TYR B 133 20.08 -0.10 2.38
N ASP B 134 21.19 -1.39 3.09
N ASP B 134 21.09 0.38 3.09
CA ASP B 134 22.40 -0.94 2.41
CA ASP B 134 22.23 1.03 2.41
C ASP B 134 22.94 -2.06 1.50
C ASP B 134 22.89 0.16 1.31
N SER B 135 22.50 -3.29 1.74
N SER B 135 22.88 -1.17 1.48
CA SER B 135 22.89 -4.39 0.86
CA SER B 135 23.45 -2.06 0.47
C SER B 135 21.89 -4.56 -0.31
C SER B 135 22.38 -2.62 -0.48
N GLY B 136 20.94 -3.65 -0.44
N GLY B 136 21.19 -2.02 -0.53
CA GLY B 136 19.92 -3.72 -1.49
CA GLY B 136 20.13 -2.50 -1.42
C GLY B 136 20.54 -3.50 -2.87
C GLY B 136 20.62 -2.52 -2.85
N LEU B 137 19.85 -3.91 -3.92
N LEU B 137 20.13 -3.47 -3.65
CA LEU B 137 20.44 -3.98 -5.25
CA LEU B 137 20.69 -3.75 -4.98
C LEU B 137 20.31 -2.73 -6.10
C LEU B 137 20.50 -2.61 -5.94
N LEU B 138 19.56 -1.72 -5.66
CA LEU B 138 19.40 -0.46 -6.42
C LEU B 138 20.24 0.71 -5.88
N GLN B 139 21.31 0.36 -5.11
CA GLN B 139 22.22 1.39 -4.61
C GLN B 139 22.82 2.14 -5.78
N GLY B 140 22.93 3.44 -5.56
CA GLY B 140 23.51 4.40 -6.51
C GLY B 140 22.39 5.18 -7.20
N LYS B 141 21.16 4.65 -7.12
CA LYS B 141 20.02 5.30 -7.69
C LYS B 141 19.32 6.15 -6.68
N LEU B 142 18.68 7.17 -7.17
CA LEU B 142 17.89 8.12 -6.46
C LEU B 142 16.39 7.81 -6.65
N ALA B 143 15.61 8.07 -5.63
CA ALA B 143 14.10 7.94 -5.69
C ALA B 143 13.48 9.05 -5.03
N LEU B 144 12.32 9.44 -5.47
CA LEU B 144 11.64 10.59 -5.03
C LEU B 144 10.15 10.44 -5.08
N LEU B 145 9.47 10.64 -3.97
CA LEU B 145 8.02 10.58 -3.97
C LEU B 145 7.38 11.89 -4.18
N SER B 146 6.58 12.01 -5.19
CA SER B 146 5.84 13.20 -5.44
C SER B 146 4.36 12.90 -5.26
N VAL B 147 3.92 13.34 -4.10
N VAL B 147 3.90 13.38 -4.14
CA VAL B 147 2.60 12.95 -3.61
CA VAL B 147 2.63 12.96 -3.62
C VAL B 147 1.73 14.14 -3.54
C VAL B 147 1.74 14.18 -3.59
N THR B 148 0.60 14.13 -3.91
CA THR B 148 -0.61 14.96 -3.73
C THR B 148 -1.57 14.45 -2.64
N THR B 149 -2.07 15.35 -1.82
CA THR B 149 -3.02 14.93 -0.78
C THR B 149 -4.33 15.58 -0.90
N GLY B 150 -5.36 14.97 -0.26
CA GLY B 150 -6.67 15.62 -0.07
C GLY B 150 -6.61 16.50 1.23
N GLY B 151 -5.95 16.02 2.26
CA GLY B 151 -5.74 16.77 3.49
C GLY B 151 -4.73 17.90 3.47
N THR B 152 -5.03 18.90 4.30
CA THR B 152 -4.18 20.06 4.41
C THR B 152 -2.94 19.82 5.14
N ALA B 153 -1.99 20.72 4.93
CA ALA B 153 -0.75 20.65 5.62
C ALA B 153 -0.90 20.60 7.15
N GLU B 154 -1.82 21.38 7.63
CA GLU B 154 -2.33 21.48 8.98
C GLU B 154 -2.57 20.11 9.64
N MET B 155 -3.27 19.33 8.87
CA MET B 155 -3.77 18.04 9.29
C MET B 155 -2.63 17.09 9.38
N TYR B 156 -1.66 17.29 8.49
CA TYR B 156 -0.46 16.54 8.52
C TYR B 156 0.68 17.04 9.46
N THR B 157 0.34 17.31 10.72
CA THR B 157 1.30 17.69 11.79
C THR B 157 1.23 16.71 12.94
N LYS B 158 2.22 16.74 13.81
CA LYS B 158 2.37 15.61 14.76
C LYS B 158 1.12 15.48 15.64
N THR B 159 0.55 16.63 15.98
CA THR B 159 -0.60 16.71 16.86
C THR B 159 -1.85 16.98 16.08
N GLY B 160 -1.73 17.04 14.75
CA GLY B 160 -2.84 17.28 13.84
C GLY B 160 -3.58 15.91 13.63
N VAL B 161 -4.72 15.97 13.06
CA VAL B 161 -5.60 14.73 12.97
C VAL B 161 -4.94 13.57 12.21
N ASN B 162 -4.12 13.87 11.21
CA ASN B 162 -3.43 12.82 10.41
C ASN B 162 -2.05 12.40 10.82
N GLY B 163 -1.40 13.11 11.80
CA GLY B 163 -0.02 12.84 12.11
C GLY B 163 0.85 13.59 11.13
N ASP B 164 2.14 13.60 11.44
CA ASP B 164 3.10 14.20 10.53
C ASP B 164 3.05 13.40 9.19
N SER B 165 3.22 14.11 8.07
N SER B 165 3.26 14.06 8.04
CA SER B 165 3.38 13.42 6.79
CA SER B 165 3.46 13.31 6.77
C SER B 165 4.52 12.40 6.79
C SER B 165 4.55 12.27 6.85
N ARG B 166 5.61 12.56 7.57
CA ARG B 166 6.67 11.64 7.63
C ARG B 166 6.19 10.26 8.05
N TYR B 167 5.17 10.25 8.91
CA TYR B 167 4.71 9.04 9.44
C TYR B 167 4.10 8.11 8.36
N PHE B 168 3.35 8.71 7.43
CA PHE B 168 2.93 7.84 6.27
C PHE B 168 3.97 7.54 5.26
N LEU B 169 5.05 8.31 5.23
CA LEU B 169 6.14 7.99 4.30
C LEU B 169 6.95 6.86 4.66
N TRP B 170 6.94 6.42 5.94
CA TRP B 170 7.81 5.39 6.40
C TRP B 170 7.76 4.14 5.57
N PRO B 171 6.55 3.52 5.38
CA PRO B 171 6.49 2.30 4.58
C PRO B 171 7.01 2.46 3.15
N LEU B 172 6.83 3.62 2.60
CA LEU B 172 7.23 3.89 1.16
C LEU B 172 8.73 4.21 1.05
N GLN B 173 9.13 5.21 1.83
CA GLN B 173 10.54 5.64 1.81
C GLN B 173 11.53 4.68 2.43
N HIS B 174 11.16 4.13 3.60
CA HIS B 174 12.06 3.30 4.32
C HIS B 174 11.85 1.88 4.01
N GLY B 175 10.61 1.39 4.27
CA GLY B 175 10.36 0.00 4.03
C GLY B 175 10.47 -0.59 2.59
N THR B 176 10.28 0.37 1.66
CA THR B 176 10.38 0.07 0.22
C THR B 176 11.65 0.65 -0.45
N LEU B 177 11.72 1.95 -0.55
CA LEU B 177 12.79 2.61 -1.37
C LEU B 177 14.18 2.38 -0.70
N HIS B 178 14.35 2.81 0.57
CA HIS B 178 15.61 2.44 1.27
C HIS B 178 15.92 1.00 1.26
N PHE B 179 14.98 0.08 1.54
CA PHE B 179 15.20 -1.31 1.59
C PHE B 179 15.88 -1.79 0.33
N CYS B 180 15.43 -1.18 -0.80
CA CYS B 180 15.97 -1.55 -2.05
C CYS B 180 17.31 -0.83 -2.38
N GLY B 181 17.83 -0.03 -1.51
CA GLY B 181 19.12 0.56 -1.88
C GLY B 181 19.02 1.98 -2.34
N PHE B 182 17.84 2.46 -2.72
CA PHE B 182 17.74 3.80 -3.08
C PHE B 182 18.21 4.81 -2.03
N LYS B 183 18.83 5.86 -2.49
CA LYS B 183 18.87 7.06 -1.79
C LYS B 183 17.65 7.81 -2.07
N VAL B 184 17.11 8.35 -1.02
CA VAL B 184 15.87 8.95 -1.02
C VAL B 184 15.92 10.44 -0.98
N LEU B 185 15.61 11.05 -2.09
CA LEU B 185 15.50 12.45 -2.12
C LEU B 185 14.30 12.83 -1.35
N ALA B 186 14.35 14.04 -0.84
CA ALA B 186 13.33 14.61 -0.06
C ALA B 186 12.00 14.55 -0.80
N PRO B 187 10.98 14.08 -0.10
CA PRO B 187 9.69 13.98 -0.80
C PRO B 187 9.16 15.29 -1.24
N GLN B 188 8.45 15.29 -2.36
CA GLN B 188 7.69 16.38 -2.82
C GLN B 188 6.26 16.23 -2.44
N ILE B 189 5.76 17.03 -1.48
CA ILE B 189 4.39 16.86 -1.10
C ILE B 189 3.64 18.07 -1.42
N SER B 190 2.64 17.92 -2.25
CA SER B 190 1.74 18.91 -2.77
C SER B 190 0.43 18.86 -2.06
N PHE B 191 0.38 19.62 -0.94
CA PHE B 191 -0.72 19.43 -0.02
C PHE B 191 -1.95 20.00 -0.61
N ALA B 192 -3.00 19.22 -0.67
CA ALA B 192 -4.33 19.72 -0.89
C ALA B 192 -4.57 20.64 -2.03
N PRO B 193 -4.22 20.24 -3.25
CA PRO B 193 -4.49 21.09 -4.41
C PRO B 193 -5.97 21.31 -4.73
N GLU B 194 -6.90 20.36 -4.44
CA GLU B 194 -8.37 20.53 -4.79
C GLU B 194 -9.04 21.71 -4.01
N ILE B 195 -8.45 22.12 -2.88
CA ILE B 195 -8.89 23.21 -1.95
C ILE B 195 -8.06 24.53 -2.17
N ALA B 196 -6.87 24.38 -2.75
CA ALA B 196 -5.96 25.53 -2.97
C ALA B 196 -6.55 26.43 -4.00
N SER B 197 -6.21 27.76 -3.98
CA SER B 197 -6.59 28.65 -5.08
C SER B 197 -5.78 28.31 -6.34
N GLU B 198 -6.27 28.74 -7.51
CA GLU B 198 -5.49 28.65 -8.77
C GLU B 198 -4.02 29.08 -8.61
N GLU B 199 -3.86 30.21 -7.97
CA GLU B 199 -2.54 30.77 -7.87
C GLU B 199 -1.66 29.94 -6.96
N GLU B 200 -2.18 29.47 -5.80
CA GLU B 200 -1.43 28.51 -4.92
C GLU B 200 -1.01 27.21 -5.66
N ARG B 201 -1.90 26.70 -6.54
CA ARG B 201 -1.68 25.54 -7.33
C ARG B 201 -0.59 25.85 -8.28
N LYS B 202 -0.71 26.98 -8.98
CA LYS B 202 0.39 27.41 -9.83
C LYS B 202 1.65 27.44 -9.03
N GLY B 203 1.69 28.03 -7.86
CA GLY B 203 2.95 28.04 -7.06
C GLY B 203 3.51 26.62 -6.79
N MET B 204 2.64 25.69 -6.41
CA MET B 204 3.09 24.31 -6.15
C MET B 204 3.67 23.57 -7.39
N VAL B 205 3.02 23.71 -8.52
CA VAL B 205 3.58 23.25 -9.81
C VAL B 205 4.95 23.94 -10.07
N ALA B 206 5.09 25.24 -9.84
CA ALA B 206 6.30 25.88 -10.21
C ALA B 206 7.36 25.51 -9.22
N ALA B 207 6.97 25.27 -7.98
CA ALA B 207 7.96 24.87 -7.00
C ALA B 207 8.58 23.58 -7.49
N TRP B 208 7.74 22.76 -8.06
CA TRP B 208 8.14 21.46 -8.53
C TRP B 208 9.00 21.60 -9.76
N SER B 209 8.55 22.36 -10.74
CA SER B 209 9.40 22.77 -11.91
C SER B 209 10.77 23.35 -11.49
N GLN B 210 10.74 24.40 -10.65
CA GLN B 210 12.03 24.90 -10.08
C GLN B 210 12.90 23.94 -9.31
N ARG B 211 12.33 23.06 -8.36
CA ARG B 211 13.12 22.14 -7.65
C ARG B 211 13.82 21.32 -8.71
N LEU B 212 13.03 20.95 -9.74
CA LEU B 212 13.54 20.07 -10.72
C LEU B 212 14.81 20.64 -11.49
N GLN B 213 14.84 21.96 -11.69
CA GLN B 213 16.05 22.67 -12.15
C GLN B 213 17.29 22.24 -11.45
N THR B 214 17.24 22.04 -10.10
CA THR B 214 18.41 21.66 -9.38
C THR B 214 18.39 20.30 -8.66
N ILE B 215 17.58 19.35 -9.15
CA ILE B 215 17.47 18.05 -8.54
C ILE B 215 18.76 17.28 -8.43
N TRP B 216 19.63 17.44 -9.41
CA TRP B 216 20.83 16.71 -9.39
C TRP B 216 21.89 17.24 -8.40
N LYS B 217 21.61 18.35 -7.76
CA LYS B 217 22.50 18.92 -6.77
C LYS B 217 22.14 18.49 -5.34
N GLU B 218 21.18 17.58 -5.22
CA GLU B 218 20.64 17.19 -3.94
C GLU B 218 21.32 16.04 -3.32
N GLU B 219 21.46 16.11 -2.01
CA GLU B 219 21.84 14.98 -1.19
C GLU B 219 20.55 14.17 -0.74
N PRO B 220 20.68 12.89 -0.67
CA PRO B 220 19.52 12.13 -0.08
C PRO B 220 19.19 12.55 1.40
N ILE B 221 17.91 12.55 1.82
CA ILE B 221 17.49 12.61 3.23
C ILE B 221 18.14 11.49 4.00
N PRO B 222 18.39 11.70 5.32
CA PRO B 222 18.84 10.55 6.07
C PRO B 222 17.57 9.60 6.36
N CYS B 223 17.51 8.40 5.75
CA CYS B 223 16.25 7.54 5.77
C CYS B 223 16.19 6.56 6.97
N THR B 224 15.99 7.30 8.04
CA THR B 224 16.07 6.80 9.41
C THR B 224 14.72 6.92 10.10
N ALA B 225 14.62 6.11 11.14
CA ALA B 225 13.52 6.22 12.10
C ALA B 225 13.46 7.60 12.73
N HIS B 226 14.64 8.17 13.06
CA HIS B 226 14.66 9.48 13.63
C HIS B 226 14.17 10.53 12.65
N TRP B 227 14.63 10.46 11.38
CA TRP B 227 14.15 11.43 10.40
C TRP B 227 12.62 11.37 10.41
N HIS B 228 12.14 10.11 10.39
CA HIS B 228 10.68 10.02 10.24
C HIS B 228 9.93 10.20 11.53
N PHE B 229 10.48 9.81 12.68
CA PHE B 229 9.62 9.91 13.89
C PHE B 229 10.08 10.91 14.96
N GLY B 230 11.39 11.11 15.08
CA GLY B 230 11.96 11.88 16.23
C GLY B 230 12.03 13.39 16.05
PA FAD C . 4.20 -19.63 4.27
O1A FAD C . 3.08 -20.10 3.64
O2A FAD C . 5.60 -19.63 3.48
O5B FAD C . 4.38 -20.49 5.62
C5B FAD C . 5.66 -20.76 6.22
C4B FAD C . 5.54 -22.21 6.55
O4B FAD C . 4.39 -22.44 7.43
C3B FAD C . 5.31 -23.09 5.33
O3B FAD C . 6.25 -24.17 5.33
C2B FAD C . 3.88 -23.55 5.49
O2B FAD C . 3.53 -24.83 4.98
C1B FAD C . 3.81 -23.63 6.99
N9A FAD C . 2.46 -23.79 7.53
C8A FAD C . 1.25 -23.57 6.92
N7A FAD C . 0.22 -23.82 7.70
C5A FAD C . 0.79 -24.28 8.88
C6A FAD C . 0.25 -24.79 10.06
N6A FAD C . -1.05 -24.89 10.28
N1A FAD C . 1.10 -25.21 11.03
C2A FAD C . 2.41 -25.14 10.80
N3A FAD C . 3.06 -24.68 9.72
C4A FAD C . 2.18 -24.27 8.78
N1 FAD C . 8.14 -9.34 4.89
C2 FAD C . 8.39 -8.35 5.70
O2 FAD C . 8.78 -8.67 6.87
N3 FAD C . 8.28 -7.03 5.34
C4 FAD C . 7.87 -6.57 4.07
O4 FAD C . 7.76 -5.38 3.84
C4X FAD C . 7.67 -7.66 3.13
N5 FAD C . 7.38 -7.36 1.88
C5X FAD C . 7.12 -8.41 1.04
C6 FAD C . 6.77 -8.11 -0.30
C7 FAD C . 6.45 -9.13 -1.19
C7M FAD C . 5.90 -8.72 -2.53
C8 FAD C . 6.50 -10.47 -0.82
C8M FAD C . 6.12 -11.56 -1.76
C9 FAD C . 6.88 -10.77 0.50
C9A FAD C . 7.18 -9.77 1.42
N10 FAD C . 7.53 -10.06 2.76
C10 FAD C . 7.79 -9.04 3.60
C1' FAD C . 7.54 -11.43 3.29
C2' FAD C . 6.13 -11.93 3.52
O2' FAD C . 5.48 -11.04 4.46
C3' FAD C . 6.21 -13.34 4.11
O3' FAD C . 6.66 -14.18 3.06
C4' FAD C . 4.85 -13.88 4.53
O4' FAD C . 4.31 -13.04 5.56
C5' FAD C . 4.85 -15.33 5.01
O5' FAD C . 3.49 -15.85 5.11
P FAD C . 3.00 -16.91 4.27
O1P FAD C . 3.28 -16.61 2.83
O2P FAD C . 1.66 -17.33 4.68
O3P FAD C . 4.08 -18.07 4.76
C1 ML1 D . -10.83 14.77 2.12
C2 ML1 D . -10.91 11.96 -0.07
C3 ML1 D . -7.39 9.51 5.36
C4 ML1 D . -10.53 16.93 3.27
C5 ML1 D . -9.73 18.19 3.15
C6 ML1 D . -10.04 14.15 0.97
C8 ML1 D . -9.73 11.70 1.81
C9 ML1 D . -8.92 11.78 2.94
C12 ML1 D . -9.84 9.28 2.05
C13 ML1 D . -10.18 10.43 1.38
C7 ML1 D . -10.22 12.66 0.88
C10 ML1 D . -8.56 10.61 3.60
C11 ML1 D . -9.01 9.38 3.15
N1 ML1 D . -10.72 16.22 2.15
N2 ML1 D . -10.88 10.62 0.22
O1 ML1 D . -7.77 10.71 4.71
O2 ML1 D . -11.02 16.56 4.34
ZN ZN E . -6.24 6.27 14.95
PA FAD F . -7.14 17.26 -9.06
O1A FAD F . -8.52 17.30 -8.39
O2A FAD F . -7.37 16.53 -10.36
O5B FAD F . -6.58 18.69 -9.13
C5B FAD F . -6.89 19.74 -8.19
C4B FAD F . -7.18 20.95 -9.06
O4B FAD F . -5.94 21.36 -9.68
C3B FAD F . -8.16 20.66 -10.20
O3B FAD F . -9.17 21.68 -10.30
C2B FAD F . -7.26 20.67 -11.41
O2B FAD F . -7.82 21.15 -12.62
C1B FAD F . -6.25 21.69 -11.02
N9A FAD F . -5.04 21.67 -11.83
C8A FAD F . -4.58 20.69 -12.68
N7A FAD F . -3.49 21.01 -13.32
C5A FAD F . -3.20 22.29 -12.85
C6A FAD F . -2.17 23.20 -13.14
N6A FAD F . -1.22 22.94 -14.05
N1A FAD F . -2.17 24.38 -12.50
C2A FAD F . -3.14 24.64 -11.61
N3A FAD F . -4.18 23.87 -11.26
C4A FAD F . -4.14 22.69 -11.92
N1 FAD F . -6.26 12.32 0.78
C2 FAD F . -5.56 12.27 1.88
O2 FAD F . -5.04 13.37 2.36
N3 FAD F . -5.33 11.15 2.53
C4 FAD F . -5.79 9.87 2.14
O4 FAD F . -5.38 8.92 2.77
C4X FAD F . -6.57 9.88 0.93
N5 FAD F . -7.10 8.72 0.53
C5X FAD F . -7.82 8.71 -0.62
C6 FAD F . -8.31 7.49 -1.11
C7 FAD F . -9.00 7.39 -2.32
C7M FAD F . -9.45 6.03 -2.85
C8 FAD F . -9.21 8.56 -3.09
C8M FAD F . -9.97 8.50 -4.38
C9 FAD F . -8.71 9.79 -2.61
C9A FAD F . -8.02 9.90 -1.41
N10 FAD F . -7.45 11.09 -0.93
C10 FAD F . -6.75 11.11 0.25
C1' FAD F . -7.58 12.27 -1.82
C2' FAD F . -6.40 12.32 -2.84
O2' FAD F . -5.11 12.21 -2.28
C3' FAD F . -6.46 13.70 -3.47
O3' FAD F . -7.75 13.80 -3.97
C4' FAD F . -5.50 13.88 -4.65
O4' FAD F . -4.24 13.93 -4.05
C5' FAD F . -5.74 15.19 -5.37
O5' FAD F . -4.93 15.13 -6.61
P FAD F . -5.54 15.10 -7.99
O1P FAD F . -6.60 14.19 -8.32
O2P FAD F . -4.39 15.14 -9.02
O3P FAD F . -6.30 16.59 -7.99
C1 ML1 G . 10.72 -12.92 2.28
C1 ML1 G . 10.27 -10.64 -1.87
C2 ML1 G . 10.33 -10.58 0.58
C2 ML1 G . 10.54 -11.08 1.09
C3 ML1 G . 11.36 -4.88 4.32
C3 ML1 G . 10.75 -4.69 3.75
C4 ML1 G . 9.60 -12.82 0.09
C4 ML1 G . 10.02 -12.96 -1.25
C5 ML1 G . 8.57 -13.85 0.40
C5 ML1 G . 11.34 -13.26 -1.86
C6 ML1 G . 11.03 -11.58 2.85
C6 ML1 G . 9.92 -9.56 -0.91
C8 ML1 G . 10.81 -9.08 2.14
C8 ML1 G . 10.62 -8.88 1.49
C9 ML1 G . 11.12 -8.34 3.28
C9 ML1 G . 10.60 -7.50 1.48
C12 ML1 G . 10.42 -7.04 0.90
C12 ML1 G . 11.23 -8.88 3.84
C13 ML1 G . 10.45 -8.40 0.97
C13 ML1 G . 10.94 -9.55 2.67
C7 ML1 G . 10.74 -10.47 1.87
C7 ML1 G . 10.35 -9.87 0.49
C10 ML1 G . 11.08 -6.96 3.21
C10 ML1 G . 10.88 -6.82 2.66
C11 ML1 G . 10.74 -6.31 2.02
C11 ML1 G . 11.20 -7.50 3.83
N1 ML1 G . 10.72 -12.88 0.82
N1 ML1 G . 9.46 -11.82 -1.62
N2 ML1 G . 10.16 -9.35 0.03
N2 ML1 G . 10.89 -10.90 2.41
O1 ML1 G . 11.40 -6.29 4.36
O1 ML1 G . 10.70 -5.46 2.56
O2 ML1 G . 9.45 -11.98 -0.80
O2 ML1 G . 9.50 -13.70 -0.41
ZN ZN H . 15.37 4.36 5.59
#